data_2J85
#
_entry.id   2J85
#
_cell.length_a   48.573
_cell.length_b   83.317
_cell.length_c   89.501
_cell.angle_alpha   90.00
_cell.angle_beta   90.00
_cell.angle_gamma   90.00
#
_symmetry.space_group_name_H-M   'P 21 21 21'
#
loop_
_entity.id
_entity.type
_entity.pdbx_description
1 polymer 'STIV B116'
2 water water
#
_entity_poly.entity_id   1
_entity_poly.type   'polypeptide(L)'
_entity_poly.pdbx_seq_one_letter_code
;(MSE)GKVFLTNAFSIN(MSE)LKEFPTTITIDKLDEEDFCLKLELRLEDGTLINAIGHDSTINLVNTLCGTQLQKNRVE
VK(MSE)NEGDEALII(MSE)ISQRLEEGKVLSDKEIKD(MSE)YRQGKISFYEVWHHHHHH
;
_entity_poly.pdbx_strand_id   A,B
#
# COMPACT_ATOMS: atom_id res chain seq x y z
N GLY A 2 -16.47 12.72 7.72
CA GLY A 2 -16.55 11.78 6.55
C GLY A 2 -16.61 10.32 6.97
N LYS A 3 -16.34 9.42 6.04
CA LYS A 3 -16.35 8.00 6.30
C LYS A 3 -15.03 7.54 6.94
N VAL A 4 -15.11 6.41 7.66
CA VAL A 4 -13.93 5.76 8.19
C VAL A 4 -13.90 4.29 7.75
N PHE A 5 -13.02 3.97 6.81
CA PHE A 5 -12.91 2.62 6.33
C PHE A 5 -12.07 1.73 7.24
N LEU A 6 -12.61 0.58 7.60
CA LEU A 6 -11.85 -0.45 8.29
C LEU A 6 -11.30 -1.43 7.25
N THR A 7 -9.97 -1.52 7.16
CA THR A 7 -9.30 -2.32 6.14
C THR A 7 -8.17 -3.13 6.75
N ASN A 8 -7.84 -4.23 6.08
CA ASN A 8 -6.68 -5.03 6.41
C ASN A 8 -5.49 -4.75 5.52
N ALA A 9 -5.60 -3.69 4.71
CA ALA A 9 -4.54 -3.26 3.81
C ALA A 9 -4.60 -1.76 3.54
N PHE A 10 -3.48 -1.16 3.17
CA PHE A 10 -3.47 0.16 2.57
C PHE A 10 -2.85 0.09 1.17
N SER A 11 -3.55 0.74 0.23
CA SER A 11 -3.13 0.77 -1.16
C SER A 11 -3.42 2.13 -1.74
N ILE A 12 -2.50 2.58 -2.60
CA ILE A 12 -2.67 3.75 -3.48
C ILE A 12 -3.99 3.71 -4.25
N ASN A 13 -4.47 2.51 -4.60
CA ASN A 13 -5.81 2.32 -5.20
C ASN A 13 -6.99 2.79 -4.35
N LEU A 15 -7.12 5.69 -3.05
CA LEU A 15 -7.14 7.15 -3.11
C LEU A 15 -7.88 7.62 -4.37
N LYS A 16 -8.98 8.32 -4.17
CA LYS A 16 -9.83 8.69 -5.30
C LYS A 16 -9.07 9.56 -6.30
N GLU A 17 -8.27 10.51 -5.81
CA GLU A 17 -7.63 11.52 -6.68
C GLU A 17 -6.21 11.94 -6.32
N PHE A 18 -5.53 12.51 -7.32
CA PHE A 18 -4.10 12.87 -7.21
C PHE A 18 -3.84 14.23 -7.82
N PRO A 19 -2.88 14.99 -7.27
CA PRO A 19 -2.09 14.61 -6.10
C PRO A 19 -2.90 14.64 -4.82
N THR A 20 -2.52 13.80 -3.85
CA THR A 20 -3.07 13.94 -2.50
C THR A 20 -1.97 13.76 -1.41
N THR A 21 -2.27 14.26 -0.22
CA THR A 21 -1.31 14.29 0.89
C THR A 21 -2.00 13.68 2.10
N ILE A 22 -1.40 12.61 2.63
CA ILE A 22 -2.00 11.87 3.72
C ILE A 22 -1.03 11.68 4.87
N THR A 23 -1.59 11.60 6.07
CA THR A 23 -0.82 11.35 7.25
C THR A 23 -1.18 9.95 7.71
N ILE A 24 -0.13 9.25 8.13
CA ILE A 24 -0.21 7.88 8.59
C ILE A 24 0.42 7.83 9.97
N ASP A 25 -0.31 7.35 10.98
CA ASP A 25 0.32 7.06 12.28
C ASP A 25 0.16 5.57 12.62
N LYS A 26 1.08 5.08 13.44
CA LYS A 26 0.97 3.73 14.02
C LYS A 26 0.12 3.79 15.31
N LEU A 27 -0.80 2.85 15.48
CA LEU A 27 -1.69 2.79 16.66
C LEU A 27 -1.33 1.59 17.51
N ASP A 28 -1.50 1.70 18.83
CA ASP A 28 -1.46 0.49 19.69
C ASP A 28 -2.84 -0.13 19.67
N GLU A 29 -2.96 -1.33 20.24
CA GLU A 29 -4.23 -2.05 20.24
C GLU A 29 -5.39 -1.26 20.81
N GLU A 30 -5.17 -0.68 21.99
CA GLU A 30 -6.20 0.02 22.70
C GLU A 30 -6.77 1.17 21.85
N ASP A 31 -5.90 1.94 21.21
CA ASP A 31 -6.33 3.11 20.45
C ASP A 31 -7.04 2.71 19.16
N PHE A 32 -6.56 1.63 18.57
CA PHE A 32 -7.25 1.08 17.42
C PHE A 32 -8.70 0.64 17.77
N CYS A 33 -8.83 -0.15 18.83
CA CYS A 33 -10.16 -0.68 19.24
C CYS A 33 -11.10 0.43 19.67
N LEU A 34 -10.59 1.40 20.40
CA LEU A 34 -11.39 2.55 20.84
C LEU A 34 -11.87 3.44 19.65
N LYS A 35 -10.97 3.72 18.69
CA LYS A 35 -11.35 4.46 17.50
C LYS A 35 -12.39 3.71 16.67
N LEU A 36 -12.19 2.41 16.51
CA LEU A 36 -13.15 1.54 15.84
C LEU A 36 -14.51 1.56 16.54
N GLU A 37 -14.51 1.39 17.84
CA GLU A 37 -15.74 1.46 18.62
C GLU A 37 -16.44 2.81 18.47
N LEU A 38 -15.67 3.89 18.57
CA LEU A 38 -16.19 5.25 18.34
C LEU A 38 -16.86 5.40 16.98
N ARG A 39 -16.22 4.89 15.93
CA ARG A 39 -16.79 5.03 14.59
C ARG A 39 -17.96 4.08 14.34
N LEU A 40 -18.03 2.98 15.08
CA LEU A 40 -19.21 2.12 15.04
C LEU A 40 -20.37 2.86 15.72
N GLU A 41 -20.13 3.39 16.92
CA GLU A 41 -21.17 4.14 17.64
C GLU A 41 -21.71 5.36 16.88
N ASP A 42 -20.85 6.12 16.20
CA ASP A 42 -21.33 7.31 15.52
C ASP A 42 -21.78 7.02 14.08
N GLY A 43 -21.65 5.77 13.67
CA GLY A 43 -22.17 5.35 12.38
C GLY A 43 -21.33 5.74 11.18
N THR A 44 -20.09 6.16 11.38
CA THR A 44 -19.27 6.60 10.25
C THR A 44 -18.34 5.50 9.75
N LEU A 45 -18.16 4.44 10.53
CA LEU A 45 -17.35 3.33 10.08
C LEU A 45 -17.97 2.62 8.88
N ILE A 46 -17.20 2.42 7.82
CA ILE A 46 -17.55 1.47 6.79
C ILE A 46 -16.55 0.34 6.90
N ASN A 47 -17.04 -0.86 7.14
CA ASN A 47 -16.23 -2.06 7.29
C ASN A 47 -15.94 -2.65 5.93
N ALA A 48 -14.67 -2.78 5.61
CA ALA A 48 -14.21 -3.30 4.31
C ALA A 48 -13.27 -4.49 4.50
N ILE A 49 -13.35 -5.16 5.64
CA ILE A 49 -12.59 -6.39 5.84
C ILE A 49 -13.43 -7.53 5.31
N GLY A 50 -12.94 -8.13 4.23
CA GLY A 50 -13.68 -9.15 3.48
C GLY A 50 -13.59 -10.58 3.97
N HIS A 51 -12.68 -10.87 4.90
CA HIS A 51 -12.44 -12.26 5.35
C HIS A 51 -12.77 -12.50 6.83
N ASP A 52 -13.41 -13.66 7.08
CA ASP A 52 -13.83 -14.06 8.44
C ASP A 52 -12.67 -14.19 9.43
N SER A 53 -11.50 -14.63 8.95
CA SER A 53 -10.35 -14.83 9.85
C SER A 53 -9.91 -13.51 10.48
N THR A 54 -9.87 -12.46 9.66
CA THR A 54 -9.47 -11.13 10.11
C THR A 54 -10.58 -10.52 10.95
N ILE A 55 -11.81 -10.68 10.50
CA ILE A 55 -12.99 -10.29 11.27
C ILE A 55 -13.04 -10.94 12.66
N ASN A 56 -12.83 -12.25 12.73
CA ASN A 56 -12.83 -12.94 14.02
C ASN A 56 -11.72 -12.44 14.95
N LEU A 57 -10.52 -12.25 14.40
CA LEU A 57 -9.41 -11.65 15.15
C LEU A 57 -9.75 -10.26 15.73
N VAL A 58 -10.35 -9.41 14.90
CA VAL A 58 -10.70 -8.05 15.32
C VAL A 58 -11.77 -8.10 16.40
N ASN A 59 -12.75 -8.96 16.21
CA ASN A 59 -13.84 -9.14 17.18
C ASN A 59 -13.34 -9.64 18.51
N THR A 60 -12.44 -10.61 18.48
CA THR A 60 -11.84 -11.10 19.72
C THR A 60 -11.05 -10.00 20.40
N LEU A 61 -10.23 -9.31 19.62
CA LEU A 61 -9.35 -8.27 20.14
C LEU A 61 -10.11 -7.08 20.73
N CYS A 62 -11.10 -6.58 20.02
CA CYS A 62 -11.79 -5.37 20.43
C CYS A 62 -13.16 -5.61 21.12
N GLY A 63 -13.72 -6.80 20.99
CA GLY A 63 -15.03 -7.09 21.55
C GLY A 63 -16.17 -6.64 20.65
N THR A 64 -15.85 -6.40 19.40
CA THR A 64 -16.80 -5.93 18.41
C THR A 64 -17.57 -7.13 17.92
N GLN A 65 -18.57 -6.91 17.07
CA GLN A 65 -19.33 -8.02 16.49
C GLN A 65 -19.48 -7.80 14.99
N LEU A 66 -18.36 -7.50 14.34
CA LEU A 66 -18.34 -7.22 12.92
C LEU A 66 -18.56 -8.50 12.15
N GLN A 67 -19.25 -8.36 11.02
CA GLN A 67 -19.36 -9.42 10.02
C GLN A 67 -18.59 -8.95 8.79
N LYS A 68 -18.07 -9.90 8.02
CA LYS A 68 -17.28 -9.57 6.83
C LYS A 68 -18.10 -8.79 5.81
N ASN A 69 -17.41 -7.93 5.07
CA ASN A 69 -18.07 -7.06 4.11
C ASN A 69 -17.06 -6.68 3.03
N ARG A 70 -17.37 -7.01 1.78
CA ARG A 70 -16.56 -6.59 0.64
C ARG A 70 -17.03 -5.24 0.10
N VAL A 71 -16.07 -4.33 -0.01
CA VAL A 71 -16.30 -2.95 -0.36
C VAL A 71 -15.03 -2.60 -1.11
N GLU A 72 -15.18 -1.92 -2.24
CA GLU A 72 -14.02 -1.32 -2.87
C GLU A 72 -13.83 0.01 -2.15
N VAL A 73 -12.71 0.15 -1.44
CA VAL A 73 -12.44 1.36 -0.68
C VAL A 73 -11.94 2.45 -1.62
N LYS A 74 -12.65 3.57 -1.66
CA LYS A 74 -12.23 4.75 -2.39
C LYS A 74 -12.44 5.96 -1.48
N ASN A 76 -12.37 9.82 -0.24
CA ASN A 76 -12.40 11.24 -0.51
C ASN A 76 -11.49 11.96 0.47
N GLU A 77 -11.32 13.25 0.25
CA GLU A 77 -10.41 14.05 1.06
C GLU A 77 -10.88 14.15 2.54
N GLY A 78 -12.17 13.95 2.79
CA GLY A 78 -12.69 13.96 4.17
C GLY A 78 -12.74 12.61 4.90
N ASP A 79 -12.35 11.54 4.20
CA ASP A 79 -12.34 10.19 4.72
C ASP A 79 -11.00 9.78 5.29
N GLU A 80 -11.07 8.77 6.15
CA GLU A 80 -9.88 8.18 6.77
C GLU A 80 -10.03 6.66 6.77
N ALA A 81 -8.94 5.99 7.07
CA ALA A 81 -8.96 4.54 7.20
C ALA A 81 -8.32 4.14 8.55
N LEU A 82 -8.85 3.07 9.14
CA LEU A 82 -8.26 2.41 10.31
C LEU A 82 -7.81 1.09 9.80
N ILE A 83 -6.53 0.81 9.92
CA ILE A 83 -5.95 -0.32 9.22
C ILE A 83 -5.35 -1.36 10.19
N ILE A 84 -5.66 -2.63 9.95
CA ILE A 84 -5.00 -3.76 10.63
C ILE A 84 -4.14 -4.51 9.60
N ILE A 86 -1.67 -7.66 9.07
CA ILE A 86 -1.12 -8.94 9.52
C ILE A 86 -0.05 -9.39 8.54
N SER A 87 1.14 -9.75 9.05
CA SER A 87 2.22 -10.35 8.23
C SER A 87 1.84 -11.76 7.73
N GLN A 88 1.68 -12.71 8.66
CA GLN A 88 1.34 -14.08 8.30
C GLN A 88 -0.09 -14.14 7.79
N ARG A 89 -0.36 -15.03 6.84
CA ARG A 89 -1.72 -15.26 6.36
C ARG A 89 -2.44 -16.18 7.35
N LEU A 90 -3.40 -15.63 8.09
CA LEU A 90 -4.18 -16.37 9.10
C LEU A 90 -4.86 -17.63 8.57
N GLU A 91 -4.94 -18.66 9.41
CA GLU A 91 -5.62 -19.92 9.08
C GLU A 91 -7.14 -19.73 9.06
N GLU A 92 -7.80 -20.12 7.97
CA GLU A 92 -9.27 -20.02 7.88
C GLU A 92 -9.91 -21.16 8.67
N GLY A 93 -10.15 -20.92 9.96
CA GLY A 93 -10.78 -21.89 10.86
C GLY A 93 -10.23 -21.84 12.28
N LYS A 94 -8.92 -21.59 12.40
CA LYS A 94 -8.24 -21.56 13.68
C LYS A 94 -8.76 -20.44 14.60
N VAL A 95 -9.48 -20.83 15.64
CA VAL A 95 -9.94 -19.91 16.66
C VAL A 95 -8.77 -19.51 17.58
N LEU A 96 -8.48 -18.21 17.62
CA LEU A 96 -7.39 -17.67 18.42
C LEU A 96 -7.92 -17.14 19.75
N SER A 97 -7.20 -17.46 20.83
CA SER A 97 -7.50 -16.90 22.14
C SER A 97 -6.93 -15.49 22.18
N ASP A 98 -7.37 -14.67 23.14
CA ASP A 98 -6.86 -13.30 23.24
C ASP A 98 -5.37 -13.30 23.63
N LYS A 99 -4.93 -14.38 24.27
CA LYS A 99 -3.51 -14.61 24.56
C LYS A 99 -2.70 -14.83 23.28
N GLU A 100 -3.25 -15.61 22.35
CA GLU A 100 -2.60 -15.82 21.05
C GLU A 100 -2.51 -14.54 20.20
N ILE A 101 -3.57 -13.76 20.19
CA ILE A 101 -3.62 -12.51 19.45
C ILE A 101 -2.61 -11.48 20.00
N LYS A 102 -2.50 -11.43 21.33
CA LYS A 102 -1.56 -10.52 21.98
C LYS A 102 -0.10 -11.00 21.92
N ASP A 103 0.10 -12.30 21.68
CA ASP A 103 1.44 -12.80 21.34
C ASP A 103 1.86 -12.28 19.97
N TYR A 105 0.74 -9.80 18.44
CA TYR A 105 0.90 -8.35 18.53
C TYR A 105 2.25 -7.98 19.18
N ARG A 106 2.57 -8.59 20.32
CA ARG A 106 3.85 -8.34 20.97
C ARG A 106 5.03 -8.80 20.09
N GLN A 107 4.81 -9.88 19.33
CA GLN A 107 5.84 -10.37 18.38
C GLN A 107 5.99 -9.50 17.13
N GLY A 108 5.07 -8.56 16.94
CA GLY A 108 5.13 -7.64 15.81
C GLY A 108 4.51 -8.21 14.56
N LYS A 109 3.71 -9.26 14.71
CA LYS A 109 3.00 -9.87 13.59
C LYS A 109 1.66 -9.15 13.27
N ILE A 110 1.16 -8.36 14.21
CA ILE A 110 0.01 -7.48 13.97
C ILE A 110 0.38 -6.03 14.26
N SER A 111 0.02 -5.13 13.34
CA SER A 111 0.22 -3.71 13.53
C SER A 111 -1.05 -2.97 13.13
N PHE A 112 -1.23 -1.77 13.68
CA PHE A 112 -2.41 -0.98 13.42
C PHE A 112 -1.99 0.39 12.97
N TYR A 113 -2.77 0.96 12.04
CA TYR A 113 -2.47 2.28 11.48
C TYR A 113 -3.74 3.05 11.28
N GLU A 114 -3.58 4.36 11.23
CA GLU A 114 -4.66 5.21 10.85
C GLU A 114 -4.14 6.07 9.73
N VAL A 115 -4.95 6.25 8.68
CA VAL A 115 -4.58 7.07 7.55
C VAL A 115 -5.67 8.10 7.39
N TRP A 116 -5.27 9.37 7.34
CA TRP A 116 -6.19 10.47 7.05
C TRP A 116 -5.53 11.54 6.16
N HIS A 117 -6.34 12.45 5.66
CA HIS A 117 -5.85 13.49 4.76
C HIS A 117 -5.30 14.68 5.54
N HIS A 118 -4.12 15.12 5.12
CA HIS A 118 -3.45 16.24 5.72
C HIS A 118 -4.35 17.47 5.58
N HIS A 119 -4.73 18.03 6.73
N GLY B 2 18.40 11.59 0.30
CA GLY B 2 17.90 11.83 -1.06
C GLY B 2 17.89 10.54 -1.88
N LYS B 3 17.52 9.42 -1.27
CA LYS B 3 17.28 8.17 -2.02
C LYS B 3 15.95 8.22 -2.74
N VAL B 4 15.93 7.56 -3.88
CA VAL B 4 14.74 7.38 -4.69
C VAL B 4 14.56 5.89 -5.01
N PHE B 5 13.59 5.23 -4.37
CA PHE B 5 13.37 3.81 -4.66
C PHE B 5 12.43 3.60 -5.86
N LEU B 6 12.80 2.67 -6.74
CA LEU B 6 11.91 2.17 -7.79
C LEU B 6 11.27 0.86 -7.33
N THR B 7 9.94 0.85 -7.23
CA THR B 7 9.20 -0.29 -6.68
C THR B 7 8.01 -0.64 -7.55
N ASN B 8 7.45 -1.83 -7.34
CA ASN B 8 6.24 -2.24 -8.03
C ASN B 8 5.02 -2.17 -7.12
N ALA B 9 5.19 -1.53 -5.97
CA ALA B 9 4.17 -1.50 -4.94
C ALA B 9 4.43 -0.34 -3.99
N PHE B 10 3.36 0.20 -3.39
CA PHE B 10 3.52 1.02 -2.20
C PHE B 10 2.88 0.32 -1.03
N SER B 11 3.57 0.32 0.09
CA SER B 11 3.10 -0.34 1.28
C SER B 11 3.52 0.50 2.49
N ILE B 12 2.67 0.52 3.51
CA ILE B 12 2.97 1.19 4.78
C ILE B 12 4.30 0.67 5.37
N ASN B 13 4.60 -0.61 5.17
CA ASN B 13 5.88 -1.16 5.61
C ASN B 13 7.15 -0.47 5.07
N LEU B 15 7.61 2.70 5.21
CA LEU B 15 7.83 3.93 5.95
C LEU B 15 8.55 3.56 7.25
N LYS B 16 9.62 4.29 7.55
CA LYS B 16 10.46 3.95 8.70
C LYS B 16 9.80 4.39 9.99
N GLU B 17 9.33 5.65 10.02
CA GLU B 17 8.87 6.29 11.24
C GLU B 17 7.44 6.83 11.14
N PHE B 18 6.75 6.84 12.27
CA PHE B 18 5.39 7.35 12.33
C PHE B 18 5.28 8.28 13.53
N PRO B 19 4.47 9.35 13.42
CA PRO B 19 3.70 9.71 12.21
C PRO B 19 4.56 10.24 11.06
N THR B 20 4.04 10.10 9.85
CA THR B 20 4.63 10.70 8.67
C THR B 20 3.53 11.14 7.70
N THR B 21 3.87 12.17 6.94
CA THR B 21 2.96 12.77 5.98
C THR B 21 3.64 12.70 4.61
N ILE B 22 2.91 12.09 3.66
CA ILE B 22 3.42 11.84 2.34
C ILE B 22 2.47 12.39 1.28
N THR B 23 3.07 12.90 0.20
CA THR B 23 2.35 13.27 -0.98
C THR B 23 2.58 12.21 -2.03
N ILE B 24 1.49 11.87 -2.73
CA ILE B 24 1.45 10.92 -3.79
C ILE B 24 0.86 11.60 -5.04
N ASP B 25 1.59 11.56 -6.16
CA ASP B 25 0.99 12.01 -7.43
C ASP B 25 1.01 10.88 -8.45
N LYS B 26 0.12 10.99 -9.42
CA LYS B 26 0.08 10.08 -10.51
C LYS B 26 0.99 10.66 -11.60
N LEU B 27 1.79 9.80 -12.22
CA LEU B 27 2.70 10.17 -13.30
C LEU B 27 2.21 9.64 -14.63
N ASP B 28 2.50 10.34 -15.71
CA ASP B 28 2.33 9.70 -17.03
C ASP B 28 3.60 8.96 -17.44
N GLU B 29 3.52 8.19 -18.53
CA GLU B 29 4.65 7.38 -18.99
C GLU B 29 5.94 8.20 -19.12
N GLU B 30 5.85 9.32 -19.86
CA GLU B 30 7.03 10.10 -20.18
C GLU B 30 7.70 10.57 -18.88
N ASP B 31 6.90 11.08 -17.94
CA ASP B 31 7.44 11.62 -16.71
C ASP B 31 8.02 10.56 -15.80
N PHE B 32 7.35 9.44 -15.67
CA PHE B 32 7.93 8.32 -14.98
C PHE B 32 9.34 8.01 -15.51
N CYS B 33 9.46 7.86 -16.84
CA CYS B 33 10.72 7.42 -17.44
C CYS B 33 11.80 8.46 -17.30
N LEU B 34 11.45 9.72 -17.47
CA LEU B 34 12.42 10.81 -17.32
C LEU B 34 12.88 10.91 -15.88
N LYS B 35 11.97 10.82 -14.91
CA LYS B 35 12.38 10.81 -13.52
C LYS B 35 13.26 9.60 -13.17
N LEU B 36 12.93 8.42 -13.67
CA LEU B 36 13.81 7.26 -13.54
C LEU B 36 15.20 7.54 -14.10
N GLU B 37 15.24 8.05 -15.35
CA GLU B 37 16.51 8.33 -15.99
C GLU B 37 17.35 9.34 -15.20
N LEU B 38 16.70 10.36 -14.63
CA LEU B 38 17.38 11.40 -13.89
C LEU B 38 18.06 10.83 -12.64
N ARG B 39 17.33 10.00 -11.93
CA ARG B 39 17.83 9.40 -10.71
C ARG B 39 18.85 8.29 -10.98
N LEU B 40 18.74 7.61 -12.12
CA LEU B 40 19.84 6.75 -12.58
C LEU B 40 21.13 7.57 -12.82
N GLU B 41 21.00 8.67 -13.56
CA GLU B 41 22.11 9.48 -13.95
C GLU B 41 22.78 10.14 -12.74
N ASP B 42 22.02 10.57 -11.73
CA ASP B 42 22.63 11.19 -10.55
C ASP B 42 22.96 10.19 -9.43
N GLY B 43 22.76 8.92 -9.70
CA GLY B 43 23.11 7.84 -8.79
C GLY B 43 22.29 7.69 -7.50
N THR B 44 21.09 8.26 -7.46
CA THR B 44 20.26 8.22 -6.24
C THR B 44 19.14 7.17 -6.33
N LEU B 45 18.96 6.59 -7.50
CA LEU B 45 17.94 5.59 -7.74
C LEU B 45 18.40 4.25 -7.17
N ILE B 46 17.57 3.67 -6.29
CA ILE B 46 17.80 2.31 -5.82
C ILE B 46 16.69 1.46 -6.40
N ASN B 47 17.09 0.53 -7.24
CA ASN B 47 16.12 -0.30 -7.91
C ASN B 47 15.70 -1.43 -6.98
N ALA B 48 14.40 -1.49 -6.67
CA ALA B 48 13.85 -2.51 -5.76
C ALA B 48 12.83 -3.42 -6.45
N ILE B 49 12.90 -3.49 -7.78
CA ILE B 49 12.02 -4.34 -8.56
C ILE B 49 12.63 -5.72 -8.60
N GLY B 50 11.93 -6.70 -8.02
CA GLY B 50 12.48 -8.05 -7.89
C GLY B 50 12.00 -9.10 -8.87
N HIS B 51 11.32 -8.68 -9.94
CA HIS B 51 10.88 -9.63 -10.96
C HIS B 51 11.29 -9.15 -12.33
N ASP B 52 11.83 -10.07 -13.12
CA ASP B 52 12.36 -9.75 -14.43
C ASP B 52 11.28 -9.33 -15.43
N SER B 53 10.10 -9.93 -15.30
CA SER B 53 8.99 -9.60 -16.21
C SER B 53 8.71 -8.09 -16.16
N THR B 54 8.72 -7.52 -14.96
CA THR B 54 8.56 -6.07 -14.76
C THR B 54 9.83 -5.29 -15.16
N ILE B 55 10.99 -5.83 -14.81
CA ILE B 55 12.23 -5.23 -15.25
C ILE B 55 12.19 -5.02 -16.78
N ASN B 56 11.88 -6.09 -17.52
CA ASN B 56 11.92 -6.06 -18.96
C ASN B 56 10.98 -5.06 -19.55
N LEU B 57 9.81 -4.94 -18.95
CA LEU B 57 8.76 -4.00 -19.35
C LEU B 57 9.24 -2.57 -19.17
N VAL B 58 9.81 -2.28 -18.01
CA VAL B 58 10.42 -0.95 -17.75
C VAL B 58 11.58 -0.65 -18.70
N ASN B 59 12.41 -1.65 -18.98
CA ASN B 59 13.57 -1.38 -19.82
C ASN B 59 13.13 -1.08 -21.24
N THR B 60 12.11 -1.78 -21.70
CA THR B 60 11.50 -1.52 -22.99
C THR B 60 10.81 -0.15 -23.02
N LEU B 61 9.99 0.16 -22.01
CA LEU B 61 9.27 1.43 -22.00
C LEU B 61 10.21 2.64 -21.91
N CYS B 62 11.25 2.53 -21.10
CA CYS B 62 12.09 3.68 -20.74
C CYS B 62 13.46 3.66 -21.41
N GLY B 63 13.86 2.52 -21.97
CA GLY B 63 15.17 2.42 -22.64
C GLY B 63 16.32 2.22 -21.66
N THR B 64 15.98 1.78 -20.45
CA THR B 64 16.94 1.56 -19.36
C THR B 64 17.55 0.16 -19.42
N GLN B 65 18.52 -0.09 -18.54
CA GLN B 65 19.18 -1.40 -18.44
C GLN B 65 19.21 -1.88 -17.00
N LEU B 66 18.06 -1.79 -16.34
CA LEU B 66 17.92 -2.32 -15.00
C LEU B 66 18.03 -3.85 -15.02
N GLN B 67 18.48 -4.41 -13.89
CA GLN B 67 18.36 -5.84 -13.64
C GLN B 67 17.57 -6.09 -12.37
N LYS B 68 17.08 -7.32 -12.22
CA LYS B 68 16.40 -7.79 -11.01
C LYS B 68 17.21 -7.45 -9.74
N ASN B 69 16.59 -6.81 -8.76
CA ASN B 69 17.26 -6.42 -7.52
C ASN B 69 16.23 -6.56 -6.37
N ARG B 70 16.44 -7.51 -5.46
CA ARG B 70 15.62 -7.62 -4.24
C ARG B 70 16.18 -6.75 -3.12
N VAL B 71 15.37 -5.78 -2.70
CA VAL B 71 15.79 -4.79 -1.73
C VAL B 71 14.64 -4.58 -0.76
N GLU B 72 14.91 -4.62 0.54
CA GLU B 72 13.92 -4.24 1.55
C GLU B 72 13.81 -2.72 1.56
N VAL B 73 12.66 -2.18 1.16
CA VAL B 73 12.47 -0.74 1.06
C VAL B 73 12.02 -0.18 2.39
N LYS B 74 12.82 0.73 2.92
CA LYS B 74 12.51 1.50 4.12
C LYS B 74 12.89 2.95 3.84
N ASN B 76 13.36 6.94 4.75
CA ASN B 76 13.48 8.12 5.59
C ASN B 76 12.64 9.28 5.05
N GLU B 77 12.61 10.34 5.85
CA GLU B 77 11.88 11.59 5.52
C GLU B 77 12.38 12.28 4.25
N GLY B 78 13.68 12.16 3.97
CA GLY B 78 14.28 12.75 2.75
C GLY B 78 14.25 11.85 1.52
N ASP B 79 13.61 10.69 1.64
CA ASP B 79 13.56 9.69 0.58
C ASP B 79 12.21 9.71 -0.14
N GLU B 80 12.23 9.12 -1.31
CA GLU B 80 11.05 9.05 -2.12
C GLU B 80 11.05 7.76 -2.93
N ALA B 81 9.93 7.49 -3.57
CA ALA B 81 9.76 6.29 -4.38
C ALA B 81 9.05 6.62 -5.67
N LEU B 82 9.49 5.94 -6.71
CA LEU B 82 8.83 5.87 -8.01
C LEU B 82 8.24 4.47 -8.14
N ILE B 83 6.97 4.42 -8.50
CA ILE B 83 6.19 3.20 -8.47
C ILE B 83 5.49 2.90 -9.79
N ILE B 84 5.61 1.65 -10.23
CA ILE B 84 4.78 1.13 -11.31
C ILE B 84 3.77 0.16 -10.72
N ILE B 86 1.18 -2.47 -11.81
CA ILE B 86 0.59 -3.28 -12.86
C ILE B 86 -0.59 -3.99 -12.23
N SER B 87 -1.80 -3.70 -12.72
CA SER B 87 -3.03 -4.19 -12.08
C SER B 87 -3.30 -5.65 -12.33
N GLN B 88 -2.68 -6.21 -13.36
CA GLN B 88 -2.78 -7.65 -13.62
C GLN B 88 -1.41 -8.32 -13.67
N ARG B 89 -1.42 -9.65 -13.69
CA ARG B 89 -0.20 -10.43 -13.76
C ARG B 89 0.33 -10.40 -15.20
N LEU B 90 1.62 -10.20 -15.36
CA LEU B 90 2.24 -10.29 -16.68
C LEU B 90 2.31 -11.76 -17.14
N GLU B 91 2.07 -11.97 -18.43
CA GLU B 91 2.14 -13.31 -19.00
C GLU B 91 3.59 -13.72 -19.09
N GLU B 92 3.87 -14.90 -18.56
CA GLU B 92 5.20 -15.46 -18.60
C GLU B 92 5.58 -15.98 -19.99
N GLY B 93 6.82 -15.72 -20.38
CA GLY B 93 7.28 -16.14 -21.65
C GLY B 93 6.80 -15.29 -22.80
N LYS B 94 6.12 -14.18 -22.53
CA LYS B 94 5.73 -13.24 -23.56
C LYS B 94 6.60 -12.00 -23.54
N VAL B 95 7.10 -11.62 -24.71
CA VAL B 95 7.81 -10.35 -24.83
C VAL B 95 6.80 -9.24 -25.18
N LEU B 96 6.66 -8.26 -24.31
CA LEU B 96 5.79 -7.14 -24.60
C LEU B 96 6.45 -6.14 -25.58
N SER B 97 5.80 -5.82 -26.68
CA SER B 97 6.24 -4.69 -27.52
C SER B 97 5.98 -3.37 -26.79
N ASP B 98 6.67 -2.33 -27.22
CA ASP B 98 6.44 -0.98 -26.69
C ASP B 98 4.96 -0.51 -26.92
N LYS B 99 4.41 -0.88 -28.08
CA LYS B 99 2.99 -0.68 -28.40
C LYS B 99 2.04 -1.35 -27.43
N GLU B 100 2.30 -2.62 -27.14
CA GLU B 100 1.54 -3.40 -26.13
C GLU B 100 1.57 -2.75 -24.73
N ILE B 101 2.75 -2.27 -24.31
CA ILE B 101 2.90 -1.61 -23.03
C ILE B 101 2.06 -0.32 -23.00
N LYS B 102 2.12 0.47 -24.07
CA LYS B 102 1.29 1.68 -24.17
C LYS B 102 -0.21 1.36 -24.25
N ASP B 103 -0.58 0.28 -24.93
CA ASP B 103 -1.95 -0.23 -24.89
C ASP B 103 -2.39 -0.51 -23.45
N TYR B 105 -1.17 0.67 -20.65
CA TYR B 105 -1.26 1.97 -19.99
C TYR B 105 -2.52 2.77 -20.39
N ARG B 106 -2.83 2.81 -21.68
CA ARG B 106 -4.07 3.44 -22.18
C ARG B 106 -5.26 2.82 -21.44
N GLN B 107 -5.22 1.51 -21.25
CA GLN B 107 -6.31 0.77 -20.66
C GLN B 107 -6.38 0.84 -19.12
N GLY B 108 -5.43 1.54 -18.49
CA GLY B 108 -5.38 1.64 -17.03
C GLY B 108 -4.87 0.38 -16.37
N LYS B 109 -4.17 -0.46 -17.12
CA LYS B 109 -3.61 -1.71 -16.60
C LYS B 109 -2.22 -1.54 -16.01
N ILE B 110 -1.57 -0.42 -16.36
CA ILE B 110 -0.34 0.02 -15.72
C ILE B 110 -0.54 1.45 -15.31
N SER B 111 -0.13 1.79 -14.10
CA SER B 111 -0.10 3.18 -13.64
C SER B 111 1.23 3.45 -12.98
N PHE B 112 1.60 4.73 -12.93
CA PHE B 112 2.84 5.16 -12.30
C PHE B 112 2.55 6.25 -11.28
N TYR B 113 3.30 6.21 -10.19
CA TYR B 113 3.15 7.17 -9.12
C TYR B 113 4.49 7.62 -8.62
N GLU B 114 4.46 8.75 -7.92
CA GLU B 114 5.58 9.18 -7.14
C GLU B 114 5.12 9.44 -5.70
N VAL B 115 5.93 9.00 -4.73
CA VAL B 115 5.64 9.20 -3.32
C VAL B 115 6.84 9.92 -2.71
N TRP B 116 6.59 11.08 -2.11
CA TRP B 116 7.60 11.79 -1.39
C TRP B 116 6.97 12.37 -0.14
N HIS B 117 7.83 12.85 0.76
CA HIS B 117 7.40 13.39 2.05
C HIS B 117 7.06 14.86 1.90
N HIS B 118 5.91 15.27 2.47
#